data_2ONI
#
_entry.id   2ONI
#
_cell.length_a   103.058
_cell.length_b   103.058
_cell.length_c   182.214
_cell.angle_alpha   90.00
_cell.angle_beta   90.00
_cell.angle_gamma   120.00
#
_symmetry.space_group_name_H-M   'P 63 2 2'
#
loop_
_entity.id
_entity.type
_entity.pdbx_description
1 polymer 'E3 ubiquitin-protein ligase NEDD4-like protein'
2 non-polymer 'SODIUM ION'
3 water water
#
_entity_poly.entity_id   1
_entity_poly.type   'polypeptide(L)'
_entity_poly.pdbx_seq_one_letter_code
;(MSE)HHHHHHSSGRENLYFQGSREFKQKYDYFRKKLKKPADIPNRFE(MSE)KLHRNNIFEESYRRI(MSE)SVKRPDV
LKARLWIEFESEKGLDYGGVAREWFFLLSKE(MSE)FNPYYGLFEYSATDNYTLQINPNSGLCNEDHLSYFTFIGRVAGL
AVFHGKLLDGFFIRPFYK(MSE)(MSE)LGKQITLND(MSE)ESVDSEYYNSLKWILENDPTELDL(MSE)FCIDEENFG
QTYQVDLKPNGSEI(MSE)VTNENKREYIDLVIQWRFVNRVQKQ(MSE)NAFLEGFTELLPIDLIKIFDENELELL
(MSE)CGLGDVDVNDWRQHSIYKNGYCPNHPVIQWFWKAVLL(MSE)DAEKRIRLLQFVTGTSRVP(MSE)NGFAELYGS
NGPQLFTIEQWGSPEKLPRAHTCFNRLDLPPYETFEDLREKLL(MSE)AVEN
;
_entity_poly.pdbx_strand_id   A
#
# COMPACT_ATOMS: atom_id res chain seq x y z
N LEU A 14 8.30 20.36 0.45
CA LEU A 14 7.34 20.30 -0.70
C LEU A 14 6.30 19.19 -0.52
N TYR A 15 5.05 19.46 -0.90
CA TYR A 15 3.96 18.54 -0.62
C TYR A 15 3.30 17.84 -1.84
N PHE A 16 3.17 18.53 -2.96
CA PHE A 16 2.58 17.85 -4.14
C PHE A 16 3.40 18.26 -5.35
N GLN A 17 4.64 17.77 -5.45
CA GLN A 17 5.54 18.25 -6.50
C GLN A 17 4.94 17.98 -7.89
N GLY A 18 5.11 18.95 -8.77
CA GLY A 18 4.58 18.83 -10.12
C GLY A 18 3.05 18.94 -10.19
N SER A 19 2.43 19.61 -9.22
CA SER A 19 0.96 19.68 -9.13
C SER A 19 0.31 20.42 -10.33
N ARG A 20 1.02 21.41 -10.89
N ARG A 20 1.00 21.42 -10.90
CA ARG A 20 0.59 22.17 -12.05
CA ARG A 20 0.47 22.13 -12.06
C ARG A 20 0.32 21.19 -13.20
C ARG A 20 0.28 21.14 -13.22
N GLU A 21 1.31 20.33 -13.47
CA GLU A 21 1.29 19.33 -14.52
C GLU A 21 0.29 18.20 -14.24
N PHE A 22 0.23 17.70 -12.99
CA PHE A 22 -0.81 16.72 -12.61
C PHE A 22 -2.21 17.23 -12.98
N LYS A 23 -2.52 18.48 -12.63
CA LYS A 23 -3.88 19.00 -12.85
C LYS A 23 -4.16 19.22 -14.34
N GLN A 24 -3.18 19.78 -15.07
CA GLN A 24 -3.22 19.84 -16.50
C GLN A 24 -3.53 18.46 -17.18
N LYS A 25 -2.83 17.41 -16.78
CA LYS A 25 -3.08 16.05 -17.30
C LYS A 25 -4.49 15.58 -16.90
N TYR A 26 -4.85 15.87 -15.65
CA TYR A 26 -6.15 15.50 -15.10
C TYR A 26 -7.30 16.15 -15.90
N ASP A 27 -7.24 17.46 -16.13
CA ASP A 27 -8.23 18.13 -16.98
C ASP A 27 -8.34 17.51 -18.41
N TYR A 28 -7.19 17.28 -19.05
CA TYR A 28 -7.13 16.67 -20.38
C TYR A 28 -7.78 15.28 -20.38
N PHE A 29 -7.32 14.46 -19.45
CA PHE A 29 -7.88 13.14 -19.18
C PHE A 29 -9.42 13.17 -19.06
N ARG A 30 -9.95 14.06 -18.26
CA ARG A 30 -11.39 14.04 -18.00
C ARG A 30 -12.19 14.47 -19.23
N LYS A 31 -11.64 15.40 -20.02
CA LYS A 31 -12.24 15.77 -21.30
C LYS A 31 -12.25 14.62 -22.30
N LYS A 32 -11.24 13.77 -22.24
CA LYS A 32 -11.10 12.67 -23.21
C LYS A 32 -11.98 11.47 -22.83
N LEU A 33 -12.30 11.35 -21.55
CA LEU A 33 -13.24 10.31 -21.09
C LEU A 33 -14.65 10.60 -21.57
N LYS A 34 -15.29 9.59 -22.13
CA LYS A 34 -16.62 9.80 -22.68
C LYS A 34 -17.62 8.99 -21.87
N LYS A 35 -18.70 9.68 -21.49
CA LYS A 35 -19.88 9.01 -20.94
C LYS A 35 -20.85 8.79 -22.09
N PRO A 36 -21.01 7.51 -22.49
CA PRO A 36 -21.94 7.15 -23.54
C PRO A 36 -23.38 7.51 -23.14
N ALA A 37 -24.15 7.96 -24.11
CA ALA A 37 -25.57 8.19 -23.91
C ALA A 37 -26.30 6.92 -24.34
N ASP A 38 -25.51 5.88 -24.62
CA ASP A 38 -25.95 4.60 -25.19
C ASP A 38 -26.37 3.59 -24.13
N ILE A 39 -26.50 4.02 -22.88
CA ILE A 39 -26.51 3.09 -21.73
C ILE A 39 -27.65 3.39 -20.77
N PRO A 40 -27.89 2.49 -19.78
CA PRO A 40 -28.98 2.77 -18.80
C PRO A 40 -28.60 3.94 -17.92
N ASN A 41 -29.59 4.54 -17.25
CA ASN A 41 -29.37 5.71 -16.38
C ASN A 41 -28.51 5.44 -15.14
N ARG A 42 -28.63 4.21 -14.64
CA ARG A 42 -28.00 3.79 -13.42
C ARG A 42 -27.42 2.39 -13.60
N PHE A 43 -26.29 2.13 -12.95
CA PHE A 43 -25.85 0.76 -12.73
C PHE A 43 -26.09 0.48 -11.25
N GLU A 44 -26.91 -0.53 -10.99
CA GLU A 44 -27.41 -0.85 -9.66
C GLU A 44 -26.68 -1.99 -9.03
N LYS A 46 -27.01 -4.09 -5.17
N LYS A 46 -27.06 -4.09 -5.20
CA LYS A 46 -27.64 -4.31 -3.88
CA LYS A 46 -27.60 -4.28 -3.86
C LYS A 46 -26.78 -5.32 -3.13
C LYS A 46 -26.75 -5.31 -3.15
N LEU A 47 -26.18 -4.89 -2.03
CA LEU A 47 -25.13 -5.65 -1.36
C LEU A 47 -25.27 -5.66 0.17
N HIS A 48 -24.63 -6.65 0.79
CA HIS A 48 -24.47 -6.74 2.23
C HIS A 48 -23.02 -6.41 2.58
N ARG A 49 -22.84 -5.45 3.50
CA ARG A 49 -21.52 -5.06 3.98
C ARG A 49 -20.71 -6.28 4.34
N ASN A 50 -21.31 -7.21 5.07
CA ASN A 50 -20.60 -8.39 5.50
C ASN A 50 -20.22 -9.34 4.37
N ASN A 51 -20.68 -9.12 3.15
CA ASN A 51 -20.34 -10.05 2.05
C ASN A 51 -19.89 -9.38 0.78
N ILE A 52 -19.25 -8.23 0.94
CA ILE A 52 -19.10 -7.27 -0.15
C ILE A 52 -18.20 -7.78 -1.30
N PHE A 53 -17.16 -8.54 -0.95
CA PHE A 53 -16.17 -9.00 -1.95
C PHE A 53 -16.83 -9.98 -2.93
N GLU A 54 -17.39 -11.08 -2.42
CA GLU A 54 -17.98 -12.07 -3.32
C GLU A 54 -19.21 -11.57 -4.06
N GLU A 55 -20.07 -10.80 -3.40
CA GLU A 55 -21.26 -10.21 -4.02
C GLU A 55 -20.96 -9.20 -5.15
N SER A 56 -19.98 -8.33 -4.92
CA SER A 56 -19.56 -7.39 -5.95
C SER A 56 -18.87 -8.07 -7.15
N TYR A 57 -18.08 -9.10 -6.88
CA TYR A 57 -17.47 -9.92 -7.93
C TYR A 57 -18.53 -10.45 -8.90
N ARG A 58 -19.56 -11.11 -8.35
CA ARG A 58 -20.63 -11.68 -9.15
C ARG A 58 -21.37 -10.63 -9.96
N ARG A 59 -21.69 -9.49 -9.35
CA ARG A 59 -22.48 -8.45 -10.00
C ARG A 59 -21.63 -7.81 -11.12
N ILE A 60 -20.41 -7.43 -10.80
CA ILE A 60 -19.50 -6.79 -11.77
C ILE A 60 -19.10 -7.75 -12.94
N SER A 62 -20.83 -10.33 -14.03
CA SER A 62 -22.00 -10.66 -14.87
C SER A 62 -22.14 -9.73 -16.08
N VAL A 63 -21.63 -8.50 -16.00
CA VAL A 63 -21.90 -7.58 -17.10
C VAL A 63 -21.00 -7.84 -18.30
N LYS A 64 -21.65 -7.99 -19.46
CA LYS A 64 -21.00 -8.32 -20.72
C LYS A 64 -20.66 -7.11 -21.57
N ARG A 65 -21.36 -5.99 -21.34
CA ARG A 65 -21.08 -4.72 -22.02
C ARG A 65 -20.55 -3.76 -20.97
N PRO A 66 -19.22 -3.58 -20.92
CA PRO A 66 -18.67 -2.83 -19.82
C PRO A 66 -19.12 -1.35 -19.84
N ASP A 67 -19.50 -0.82 -20.99
CA ASP A 67 -20.04 0.54 -21.01
C ASP A 67 -21.27 0.76 -20.08
N VAL A 68 -21.99 -0.30 -19.67
CA VAL A 68 -23.13 -0.12 -18.77
C VAL A 68 -22.68 0.24 -17.34
N LEU A 69 -21.51 -0.26 -16.96
CA LEU A 69 -20.78 0.20 -15.74
C LEU A 69 -20.50 1.71 -15.63
N LYS A 70 -20.55 2.42 -16.74
CA LYS A 70 -20.15 3.82 -16.73
C LYS A 70 -21.37 4.67 -16.45
N ALA A 71 -22.50 3.99 -16.18
CA ALA A 71 -23.72 4.66 -15.76
C ALA A 71 -23.54 5.14 -14.31
N ARG A 72 -24.33 6.13 -13.90
CA ARG A 72 -24.33 6.62 -12.52
C ARG A 72 -24.47 5.43 -11.56
N LEU A 73 -23.51 5.28 -10.65
CA LEU A 73 -23.56 4.19 -9.68
C LEU A 73 -24.66 4.38 -8.65
N TRP A 74 -25.46 3.35 -8.46
CA TRP A 74 -26.62 3.36 -7.59
C TRP A 74 -26.51 2.17 -6.66
N ILE A 75 -25.68 2.33 -5.63
CA ILE A 75 -25.35 1.25 -4.72
C ILE A 75 -26.16 1.36 -3.43
N GLU A 76 -26.79 0.26 -3.02
CA GLU A 76 -27.46 0.19 -1.72
C GLU A 76 -27.02 -1.00 -0.85
N PHE A 77 -26.83 -0.75 0.43
CA PHE A 77 -26.46 -1.80 1.39
C PHE A 77 -27.67 -2.24 2.19
N GLU A 78 -27.86 -3.55 2.34
CA GLU A 78 -28.82 -4.15 3.27
C GLU A 78 -30.28 -3.66 3.20
N GLU A 80 -30.92 0.67 3.16
CA GLU A 80 -31.07 2.07 3.59
C GLU A 80 -31.01 3.01 2.39
N LYS A 81 -31.95 3.93 2.31
CA LYS A 81 -32.22 4.66 1.07
C LYS A 81 -31.91 6.17 1.10
N GLY A 82 -31.75 6.75 2.30
CA GLY A 82 -31.74 8.21 2.45
C GLY A 82 -30.41 8.95 2.41
N LEU A 83 -29.42 8.40 1.72
CA LEU A 83 -28.07 9.00 1.63
C LEU A 83 -27.71 9.50 0.22
N ASP A 84 -26.60 10.25 0.11
CA ASP A 84 -26.05 10.63 -1.20
C ASP A 84 -25.45 9.42 -1.91
N TYR A 85 -25.82 9.23 -3.18
CA TYR A 85 -25.34 8.09 -3.92
C TYR A 85 -23.82 8.13 -4.19
N GLY A 86 -23.28 9.32 -4.44
CA GLY A 86 -21.84 9.52 -4.58
C GLY A 86 -21.08 9.13 -3.32
N GLY A 87 -21.55 9.62 -2.16
CA GLY A 87 -21.07 9.23 -0.84
C GLY A 87 -21.16 7.72 -0.59
N VAL A 88 -22.25 7.08 -1.03
CA VAL A 88 -22.35 5.60 -0.85
C VAL A 88 -21.43 4.82 -1.79
N ALA A 89 -21.37 5.24 -3.05
CA ALA A 89 -20.37 4.68 -3.95
C ALA A 89 -18.98 4.81 -3.31
N ARG A 90 -18.70 5.96 -2.70
CA ARG A 90 -17.42 6.18 -2.06
C ARG A 90 -17.23 5.18 -0.91
N GLU A 91 -18.29 4.89 -0.16
CA GLU A 91 -18.23 3.83 0.84
C GLU A 91 -17.97 2.43 0.26
N TRP A 92 -18.70 2.09 -0.81
CA TRP A 92 -18.52 0.82 -1.48
C TRP A 92 -17.10 0.64 -1.95
N PHE A 93 -16.54 1.67 -2.60
CA PHE A 93 -15.18 1.61 -3.07
C PHE A 93 -14.19 1.37 -1.92
N PHE A 94 -14.39 2.07 -0.81
CA PHE A 94 -13.61 1.93 0.44
C PHE A 94 -13.72 0.54 1.09
N LEU A 95 -14.95 0.11 1.34
CA LEU A 95 -15.18 -1.19 1.95
C LEU A 95 -14.68 -2.29 1.04
N LEU A 96 -14.96 -2.23 -0.27
CA LEU A 96 -14.47 -3.27 -1.17
C LEU A 96 -12.93 -3.25 -1.35
N SER A 97 -12.31 -2.07 -1.47
CA SER A 97 -10.81 -1.97 -1.42
C SER A 97 -10.25 -2.76 -0.28
N LYS A 98 -10.81 -2.51 0.89
CA LYS A 98 -10.33 -3.16 2.09
C LYS A 98 -10.34 -4.69 1.97
N GLU A 99 -11.27 -5.23 1.18
CA GLU A 99 -11.33 -6.68 0.93
C GLU A 99 -10.42 -7.15 -0.24
N PHE A 101 -7.83 -5.98 -1.53
CA PHE A 101 -6.44 -5.80 -1.08
C PHE A 101 -6.04 -6.45 0.25
N ASN A 102 -6.97 -7.19 0.86
CA ASN A 102 -6.70 -7.96 2.05
C ASN A 102 -5.94 -9.19 1.58
N PRO A 103 -4.71 -9.41 2.08
CA PRO A 103 -3.96 -10.58 1.64
C PRO A 103 -4.63 -11.93 2.01
N TYR A 104 -5.70 -11.89 2.79
CA TYR A 104 -6.42 -13.13 3.18
C TYR A 104 -6.87 -13.84 1.93
N TYR A 105 -7.23 -13.07 0.90
CA TYR A 105 -7.73 -13.68 -0.34
C TYR A 105 -6.68 -14.29 -1.25
N GLY A 106 -5.40 -14.07 -0.94
CA GLY A 106 -4.31 -14.51 -1.78
C GLY A 106 -4.05 -13.77 -3.10
N LEU A 107 -4.70 -12.66 -3.36
CA LEU A 107 -4.52 -12.02 -4.68
C LEU A 107 -3.39 -10.99 -4.60
N PHE A 108 -3.43 -10.19 -3.53
CA PHE A 108 -2.35 -9.28 -3.14
C PHE A 108 -1.72 -9.68 -1.82
N GLU A 109 -0.48 -9.25 -1.58
CA GLU A 109 0.26 -9.45 -0.32
C GLU A 109 1.04 -8.14 -0.01
N TYR A 110 1.30 -7.89 1.27
CA TYR A 110 2.17 -6.79 1.69
C TYR A 110 3.54 -7.03 1.16
N SER A 111 4.16 -5.98 0.69
CA SER A 111 5.49 -6.12 0.11
C SER A 111 6.65 -6.46 1.08
N ALA A 112 6.45 -6.30 2.39
CA ALA A 112 7.43 -6.60 3.47
C ALA A 112 6.65 -6.51 4.75
N THR A 113 7.17 -7.08 5.81
CA THR A 113 6.52 -7.06 7.12
C THR A 113 6.38 -5.64 7.69
N ASP A 114 7.35 -4.78 7.45
CA ASP A 114 7.27 -3.42 7.98
C ASP A 114 6.55 -2.45 7.06
N ASN A 115 5.96 -2.94 5.97
CA ASN A 115 5.38 -2.08 4.92
C ASN A 115 3.85 -2.21 4.87
N TYR A 116 3.19 -1.19 4.37
CA TYR A 116 1.77 -1.25 4.08
C TYR A 116 1.49 -1.36 2.58
N THR A 117 2.53 -1.27 1.73
CA THR A 117 2.31 -1.23 0.29
C THR A 117 2.03 -2.66 -0.20
N LEU A 118 1.15 -2.80 -1.18
CA LEU A 118 0.72 -4.11 -1.66
C LEU A 118 1.40 -4.47 -2.97
N GLN A 119 1.66 -5.75 -3.16
CA GLN A 119 2.09 -6.25 -4.47
C GLN A 119 1.27 -7.51 -4.86
N ILE A 120 1.17 -7.81 -6.17
CA ILE A 120 0.54 -9.04 -6.63
C ILE A 120 1.23 -10.24 -5.93
N ASN A 121 0.44 -11.15 -5.36
CA ASN A 121 0.95 -12.41 -4.81
C ASN A 121 1.24 -13.40 -5.98
N PRO A 122 2.53 -13.80 -6.18
CA PRO A 122 2.90 -14.66 -7.32
C PRO A 122 2.26 -16.06 -7.24
N ASN A 123 1.87 -16.46 -6.02
CA ASN A 123 1.14 -17.69 -5.75
C ASN A 123 -0.41 -17.58 -5.76
N SER A 124 -0.92 -16.46 -6.27
CA SER A 124 -2.38 -16.28 -6.39
C SER A 124 -3.15 -17.45 -7.06
N GLY A 125 -2.58 -18.05 -8.10
CA GLY A 125 -3.22 -19.17 -8.75
C GLY A 125 -3.20 -20.46 -7.91
N LEU A 126 -2.43 -20.48 -6.84
CA LEU A 126 -2.46 -21.65 -5.96
C LEU A 126 -3.50 -21.48 -4.85
N CYS A 127 -3.75 -20.24 -4.48
CA CYS A 127 -4.80 -19.90 -3.51
C CYS A 127 -6.20 -20.00 -4.13
N ASN A 128 -6.28 -19.83 -5.45
CA ASN A 128 -7.57 -19.65 -6.12
C ASN A 128 -7.46 -19.93 -7.59
N GLU A 129 -7.96 -21.11 -7.97
CA GLU A 129 -7.96 -21.58 -9.34
C GLU A 129 -8.53 -20.53 -10.28
N ASP A 130 -9.51 -19.75 -9.84
CA ASP A 130 -10.07 -18.69 -10.69
C ASP A 130 -9.43 -17.34 -10.47
N HIS A 131 -8.20 -17.33 -10.01
CA HIS A 131 -7.49 -16.06 -9.75
C HIS A 131 -7.50 -14.99 -10.85
N LEU A 132 -7.37 -15.37 -12.10
CA LEU A 132 -7.30 -14.35 -13.19
C LEU A 132 -8.65 -13.64 -13.37
N SER A 133 -9.73 -14.39 -13.17
CA SER A 133 -11.06 -13.81 -13.19
C SER A 133 -11.16 -12.73 -12.09
N TYR A 134 -10.62 -13.04 -10.92
CA TYR A 134 -10.58 -12.08 -9.81
C TYR A 134 -9.72 -10.86 -10.13
N PHE A 135 -8.56 -11.06 -10.78
CA PHE A 135 -7.69 -9.92 -11.13
C PHE A 135 -8.42 -9.02 -12.14
N THR A 136 -9.14 -9.64 -13.08
CA THR A 136 -9.93 -8.88 -14.02
C THR A 136 -10.98 -8.08 -13.29
N PHE A 137 -11.69 -8.72 -12.35
CA PHE A 137 -12.69 -8.05 -11.52
C PHE A 137 -12.07 -6.81 -10.83
N ILE A 138 -10.93 -7.02 -10.18
CA ILE A 138 -10.16 -5.96 -9.52
C ILE A 138 -9.78 -4.84 -10.47
N GLY A 139 -9.38 -5.20 -11.70
CA GLY A 139 -9.01 -4.17 -12.65
C GLY A 139 -10.25 -3.40 -13.09
N ARG A 140 -11.35 -4.11 -13.28
CA ARG A 140 -12.61 -3.45 -13.51
C ARG A 140 -13.00 -2.47 -12.41
N VAL A 141 -12.83 -2.87 -11.14
CA VAL A 141 -13.12 -1.97 -10.01
C VAL A 141 -12.15 -0.75 -9.96
N ALA A 142 -10.84 -0.96 -10.13
CA ALA A 142 -9.92 0.17 -10.22
C ALA A 142 -10.29 1.09 -11.40
N GLY A 143 -10.59 0.51 -12.56
CA GLY A 143 -10.94 1.32 -13.71
C GLY A 143 -12.22 2.08 -13.42
N LEU A 144 -13.19 1.42 -12.76
CA LEU A 144 -14.43 2.07 -12.36
C LEU A 144 -14.24 3.28 -11.40
N ALA A 145 -13.30 3.10 -10.47
CA ALA A 145 -12.91 4.12 -9.49
C ALA A 145 -12.36 5.35 -10.18
N VAL A 146 -11.36 5.17 -11.04
CA VAL A 146 -10.81 6.29 -11.82
C VAL A 146 -11.91 6.95 -12.69
N PHE A 147 -12.67 6.10 -13.43
CA PHE A 147 -13.73 6.60 -14.27
C PHE A 147 -14.68 7.50 -13.54
N HIS A 148 -15.06 7.11 -12.32
CA HIS A 148 -16.05 7.88 -11.55
C HIS A 148 -15.42 8.83 -10.58
N GLY A 149 -14.08 8.89 -10.55
CA GLY A 149 -13.36 9.90 -9.77
C GLY A 149 -13.21 9.55 -8.29
N LYS A 150 -13.29 8.26 -7.96
CA LYS A 150 -13.13 7.79 -6.56
C LYS A 150 -11.73 7.30 -6.26
N LEU A 151 -11.35 7.31 -5.00
CA LEU A 151 -10.02 6.78 -4.63
C LEU A 151 -10.17 5.34 -4.12
N LEU A 152 -9.14 4.53 -4.29
CA LEU A 152 -9.05 3.22 -3.64
C LEU A 152 -8.43 3.38 -2.25
N ASP A 153 -8.71 2.43 -1.35
CA ASP A 153 -8.11 2.46 -0.03
C ASP A 153 -7.02 1.40 -0.01
N GLY A 154 -5.80 1.81 -0.32
CA GLY A 154 -4.66 0.89 -0.30
C GLY A 154 -3.60 1.46 -1.21
N PHE A 155 -2.38 1.03 -1.01
CA PHE A 155 -1.26 1.51 -1.83
C PHE A 155 -0.47 0.34 -2.36
N PHE A 156 -0.20 0.38 -3.65
CA PHE A 156 0.59 -0.65 -4.27
C PHE A 156 2.05 -0.19 -4.26
N ILE A 157 2.98 -1.15 -4.37
CA ILE A 157 4.39 -0.77 -4.52
C ILE A 157 4.59 0.00 -5.82
N ARG A 158 5.64 0.78 -5.88
CA ARG A 158 5.89 1.60 -7.07
C ARG A 158 6.02 0.78 -8.37
N PRO A 159 6.73 -0.37 -8.35
CA PRO A 159 6.72 -1.21 -9.58
C PRO A 159 5.34 -1.65 -10.14
N PHE A 160 4.26 -1.59 -9.34
CA PHE A 160 2.93 -1.95 -9.84
C PHE A 160 2.41 -0.89 -10.81
N TYR A 161 2.57 0.40 -10.42
CA TYR A 161 2.14 1.51 -11.23
C TYR A 161 2.95 1.57 -12.51
N LYS A 162 4.26 1.32 -12.41
CA LYS A 162 5.13 1.29 -13.55
C LYS A 162 4.66 0.23 -14.54
N LEU A 165 1.82 1.02 -16.62
CA LEU A 165 2.17 1.97 -17.66
C LEU A 165 3.20 1.43 -18.64
N GLY A 166 3.58 0.17 -18.50
CA GLY A 166 4.58 -0.45 -19.37
C GLY A 166 5.93 0.25 -19.30
N LYS A 167 6.27 0.73 -18.10
CA LYS A 167 7.59 1.28 -17.85
C LYS A 167 8.45 0.18 -17.25
N GLN A 168 9.73 0.16 -17.64
CA GLN A 168 10.70 -0.82 -17.16
C GLN A 168 10.98 -0.60 -15.68
N ILE A 169 11.12 -1.69 -14.94
CA ILE A 169 11.34 -1.69 -13.50
C ILE A 169 12.83 -1.66 -13.33
N THR A 170 13.33 -0.88 -12.37
CA THR A 170 14.78 -0.66 -12.25
C THR A 170 15.19 -0.85 -10.82
N LEU A 171 16.49 -0.70 -10.57
CA LEU A 171 17.08 -0.84 -9.25
C LEU A 171 16.58 0.24 -8.27
N ASN A 172 16.37 1.44 -8.81
CA ASN A 172 15.91 2.57 -8.03
C ASN A 172 14.48 2.32 -7.50
N ASP A 173 13.68 1.53 -8.23
CA ASP A 173 12.33 1.07 -7.76
C ASP A 173 12.40 0.19 -6.51
N GLU A 175 14.38 0.80 -3.79
CA GLU A 175 14.68 1.53 -2.58
C GLU A 175 13.43 1.72 -1.73
N SER A 176 12.32 2.18 -2.33
CA SER A 176 11.11 2.46 -1.57
C SER A 176 10.52 1.18 -0.98
N VAL A 177 10.84 0.03 -1.56
CA VAL A 177 10.31 -1.27 -1.08
C VAL A 177 11.19 -1.93 0.01
N ASP A 178 12.51 -1.87 -0.15
CA ASP A 178 13.45 -2.59 0.69
C ASP A 178 14.83 -1.89 0.59
N SER A 179 15.05 -0.91 1.48
CA SER A 179 16.28 -0.14 1.61
C SER A 179 17.54 -0.98 1.73
N GLU A 180 17.54 -1.91 2.68
CA GLU A 180 18.64 -2.82 2.96
C GLU A 180 19.10 -3.52 1.67
N TYR A 181 18.14 -4.13 0.98
CA TYR A 181 18.42 -4.83 -0.27
C TYR A 181 18.83 -3.90 -1.42
N TYR A 182 18.16 -2.76 -1.55
CA TYR A 182 18.60 -1.72 -2.46
C TYR A 182 20.04 -1.24 -2.21
N ASN A 183 20.41 -1.00 -0.95
CA ASN A 183 21.78 -0.60 -0.63
C ASN A 183 22.82 -1.66 -0.98
N SER A 184 22.41 -2.93 -0.89
CA SER A 184 23.31 -4.02 -1.23
C SER A 184 23.51 -4.03 -2.72
N LEU A 185 22.42 -3.93 -3.47
CA LEU A 185 22.53 -4.04 -4.92
C LEU A 185 23.28 -2.80 -5.45
N LYS A 186 23.04 -1.63 -4.87
CA LYS A 186 23.76 -0.40 -5.21
C LYS A 186 25.25 -0.53 -4.88
N TRP A 187 25.58 -1.12 -3.75
CA TRP A 187 26.98 -1.39 -3.43
C TRP A 187 27.67 -2.23 -4.52
N ILE A 188 26.99 -3.30 -4.93
CA ILE A 188 27.51 -4.17 -5.99
C ILE A 188 27.70 -3.41 -7.31
N LEU A 189 26.71 -2.61 -7.70
CA LEU A 189 26.85 -1.78 -8.91
C LEU A 189 28.09 -0.86 -8.84
N GLU A 190 28.46 -0.40 -7.64
CA GLU A 190 29.48 0.67 -7.54
C GLU A 190 30.90 0.17 -7.16
N ASN A 191 31.00 -1.13 -6.87
CA ASN A 191 32.23 -1.73 -6.39
C ASN A 191 32.41 -3.13 -6.97
N ASP A 192 33.64 -3.62 -6.93
CA ASP A 192 33.99 -4.97 -7.39
C ASP A 192 33.28 -6.00 -6.53
N PRO A 193 32.35 -6.78 -7.13
CA PRO A 193 31.55 -7.70 -6.31
C PRO A 193 32.23 -8.97 -5.83
N THR A 194 33.37 -9.31 -6.40
CA THR A 194 33.98 -10.64 -6.21
C THR A 194 34.15 -11.16 -4.75
N GLU A 195 34.50 -10.27 -3.81
CA GLU A 195 34.63 -10.61 -2.37
C GLU A 195 33.29 -11.10 -1.77
N LEU A 196 32.19 -10.79 -2.43
CA LEU A 196 30.87 -11.20 -1.93
C LEU A 196 30.51 -12.67 -2.19
N ASP A 197 31.20 -13.30 -3.14
CA ASP A 197 30.95 -14.70 -3.58
C ASP A 197 29.49 -15.00 -3.88
N LEU A 198 28.92 -14.22 -4.80
CA LEU A 198 27.52 -14.41 -5.17
C LEU A 198 27.40 -15.26 -6.47
N PHE A 200 24.37 -16.62 -9.66
CA PHE A 200 23.13 -16.22 -10.32
C PHE A 200 21.95 -17.13 -9.91
N CYS A 201 21.69 -17.19 -8.61
CA CYS A 201 20.50 -17.86 -8.08
C CYS A 201 20.03 -17.05 -6.87
N ILE A 202 18.75 -17.25 -6.53
CA ILE A 202 18.07 -16.53 -5.48
C ILE A 202 17.14 -17.50 -4.69
N ASP A 203 16.92 -17.20 -3.41
CA ASP A 203 15.91 -17.94 -2.57
C ASP A 203 14.51 -17.41 -2.79
N GLU A 204 13.57 -18.31 -3.05
CA GLU A 204 12.19 -17.98 -3.25
C GLU A 204 11.36 -18.72 -2.22
N GLU A 205 10.63 -17.99 -1.39
CA GLU A 205 9.82 -18.64 -0.33
C GLU A 205 8.34 -18.68 -0.75
N ASN A 206 7.80 -19.89 -0.80
CA ASN A 206 6.45 -20.11 -1.23
C ASN A 206 5.72 -20.88 -0.16
N PHE A 207 4.79 -20.22 0.54
CA PHE A 207 4.02 -20.82 1.66
C PHE A 207 4.92 -21.46 2.73
N GLY A 208 5.98 -20.76 3.14
CA GLY A 208 6.90 -21.27 4.17
C GLY A 208 8.02 -22.20 3.70
N GLN A 209 8.03 -22.54 2.41
CA GLN A 209 9.04 -23.42 1.82
C GLN A 209 9.98 -22.57 0.94
N THR A 210 11.27 -22.80 1.06
CA THR A 210 12.31 -22.09 0.30
C THR A 210 12.80 -22.95 -0.84
N TYR A 211 12.91 -22.31 -2.00
CA TYR A 211 13.35 -22.90 -3.26
C TYR A 211 14.48 -22.03 -3.80
N GLN A 212 15.62 -22.65 -4.12
CA GLN A 212 16.68 -21.95 -4.83
C GLN A 212 16.23 -21.93 -6.29
N VAL A 213 16.12 -20.74 -6.88
CA VAL A 213 15.77 -20.63 -8.29
C VAL A 213 16.88 -19.91 -9.09
N ASP A 214 17.19 -20.45 -10.25
CA ASP A 214 18.26 -19.93 -11.10
C ASP A 214 17.79 -18.70 -11.77
N LEU A 215 18.57 -17.64 -11.69
CA LEU A 215 18.27 -16.37 -12.38
C LEU A 215 18.48 -16.52 -13.88
N LYS A 216 19.36 -17.44 -14.26
CA LYS A 216 19.71 -17.69 -15.64
C LYS A 216 20.23 -19.13 -15.71
N PRO A 217 20.25 -19.75 -16.90
CA PRO A 217 20.50 -21.20 -16.99
C PRO A 217 21.78 -21.60 -16.26
N ASN A 218 21.65 -22.63 -15.40
CA ASN A 218 22.73 -23.13 -14.52
C ASN A 218 23.28 -21.98 -13.67
N GLY A 219 22.41 -21.00 -13.40
CA GLY A 219 22.81 -19.78 -12.72
C GLY A 219 23.53 -20.09 -11.41
N SER A 220 23.11 -21.17 -10.76
CA SER A 220 23.56 -21.50 -9.41
C SER A 220 25.10 -21.71 -9.35
N GLU A 221 25.69 -21.86 -10.53
CA GLU A 221 27.11 -22.18 -10.66
C GLU A 221 27.89 -21.07 -11.35
N ILE A 222 27.21 -19.96 -11.65
CA ILE A 222 27.85 -18.83 -12.29
C ILE A 222 28.10 -17.69 -11.32
N VAL A 224 29.06 -14.04 -9.72
CA VAL A 224 28.95 -12.64 -10.10
C VAL A 224 30.28 -11.84 -10.01
N THR A 225 30.64 -11.24 -11.15
CA THR A 225 31.91 -10.51 -11.34
C THR A 225 31.63 -9.07 -11.81
N ASN A 226 32.69 -8.26 -11.92
CA ASN A 226 32.60 -6.93 -12.51
C ASN A 226 31.98 -6.87 -13.92
N GLU A 227 32.17 -7.96 -14.66
CA GLU A 227 31.74 -8.10 -16.07
C GLU A 227 30.22 -8.36 -16.24
N ASN A 228 29.65 -9.06 -15.27
CA ASN A 228 28.27 -9.54 -15.41
C ASN A 228 27.34 -9.07 -14.30
N LYS A 229 27.85 -8.20 -13.43
CA LYS A 229 27.07 -7.74 -12.31
C LYS A 229 25.81 -6.96 -12.69
N ARG A 230 25.83 -6.23 -13.81
CA ARG A 230 24.64 -5.47 -14.20
C ARG A 230 23.47 -6.39 -14.63
N GLU A 231 23.84 -7.49 -15.30
CA GLU A 231 22.90 -8.54 -15.70
C GLU A 231 22.32 -9.19 -14.47
N TYR A 232 23.21 -9.47 -13.51
CA TYR A 232 22.77 -9.97 -12.20
C TYR A 232 21.69 -9.11 -11.51
N ILE A 233 21.94 -7.81 -11.41
CA ILE A 233 20.98 -6.86 -10.85
C ILE A 233 19.66 -6.84 -11.65
N ASP A 234 19.74 -6.78 -12.97
CA ASP A 234 18.52 -6.80 -13.77
C ASP A 234 17.65 -8.05 -13.51
N LEU A 235 18.28 -9.20 -13.37
CA LEU A 235 17.59 -10.49 -13.23
C LEU A 235 16.88 -10.62 -11.91
N VAL A 236 17.56 -10.22 -10.85
CA VAL A 236 17.01 -10.08 -9.53
C VAL A 236 15.76 -9.18 -9.49
N ILE A 237 15.84 -7.99 -10.07
CA ILE A 237 14.77 -7.04 -10.20
C ILE A 237 13.63 -7.69 -11.00
N GLN A 238 13.95 -8.38 -12.11
CA GLN A 238 12.91 -9.07 -12.85
C GLN A 238 12.22 -10.08 -11.95
N TRP A 239 13.03 -10.77 -11.15
CA TRP A 239 12.50 -11.85 -10.39
C TRP A 239 11.61 -11.30 -9.31
N ARG A 240 12.05 -10.20 -8.73
CA ARG A 240 11.46 -9.64 -7.54
C ARG A 240 10.10 -8.99 -7.88
N PHE A 241 9.96 -8.43 -9.08
CA PHE A 241 8.79 -7.61 -9.38
C PHE A 241 7.93 -7.96 -10.62
N VAL A 242 8.49 -8.74 -11.55
CA VAL A 242 7.92 -8.78 -12.90
C VAL A 242 7.48 -10.16 -13.43
N ASN A 243 8.42 -11.09 -13.39
CA ASN A 243 8.35 -12.28 -14.22
C ASN A 243 7.35 -13.26 -13.66
N ARG A 244 7.07 -13.13 -12.36
CA ARG A 244 6.19 -14.07 -11.66
C ARG A 244 4.72 -13.65 -11.69
N VAL A 245 4.39 -12.46 -12.19
CA VAL A 245 3.05 -11.90 -12.00
C VAL A 245 2.44 -11.34 -13.32
N GLN A 246 3.01 -11.71 -14.45
CA GLN A 246 2.58 -11.10 -15.70
C GLN A 246 1.15 -11.51 -16.10
N LYS A 247 0.77 -12.77 -15.83
CA LYS A 247 -0.61 -13.21 -16.14
C LYS A 247 -1.59 -12.48 -15.24
N GLN A 248 -1.25 -12.38 -13.96
CA GLN A 248 -2.03 -11.53 -13.02
C GLN A 248 -2.22 -10.11 -13.51
N ASN A 250 -1.61 -8.84 -16.45
CA ASN A 250 -2.32 -8.83 -17.72
C ASN A 250 -3.82 -8.92 -17.50
N ALA A 251 -4.23 -9.81 -16.59
CA ALA A 251 -5.66 -9.97 -16.28
C ALA A 251 -6.22 -8.69 -15.65
N PHE A 252 -5.46 -8.11 -14.74
CA PHE A 252 -5.80 -6.82 -14.12
C PHE A 252 -5.96 -5.69 -15.17
N LEU A 253 -5.03 -5.64 -16.11
CA LEU A 253 -5.08 -4.62 -17.18
C LEU A 253 -6.25 -4.84 -18.17
N GLU A 254 -6.63 -6.10 -18.41
CA GLU A 254 -7.78 -6.37 -19.23
C GLU A 254 -9.04 -5.75 -18.60
N GLY A 255 -9.25 -5.99 -17.30
CA GLY A 255 -10.35 -5.37 -16.57
C GLY A 255 -10.25 -3.84 -16.54
N PHE A 256 -9.10 -3.30 -16.17
CA PHE A 256 -8.94 -1.86 -16.10
C PHE A 256 -9.29 -1.16 -17.42
N THR A 257 -8.85 -1.74 -18.53
CA THR A 257 -8.98 -1.09 -19.80
C THR A 257 -10.34 -1.38 -20.46
N GLU A 258 -11.18 -2.18 -19.80
CA GLU A 258 -12.56 -2.27 -20.20
C GLU A 258 -13.26 -0.96 -19.91
N LEU A 259 -12.71 -0.20 -18.95
CA LEU A 259 -13.26 1.09 -18.58
C LEU A 259 -12.41 2.26 -19.05
N LEU A 260 -11.09 2.08 -19.03
CA LEU A 260 -10.19 3.15 -19.48
C LEU A 260 -9.20 2.72 -20.57
N PRO A 261 -9.26 3.40 -21.73
CA PRO A 261 -8.26 3.11 -22.75
C PRO A 261 -6.89 3.30 -22.14
N ILE A 262 -6.02 2.34 -22.38
CA ILE A 262 -4.66 2.40 -21.87
C ILE A 262 -3.93 3.64 -22.42
N ASP A 263 -4.28 4.14 -23.60
CA ASP A 263 -3.55 5.31 -24.07
C ASP A 263 -3.88 6.62 -23.31
N LEU A 264 -5.03 6.67 -22.67
CA LEU A 264 -5.41 7.79 -21.80
C LEU A 264 -4.68 7.71 -20.51
N ILE A 265 -4.75 6.55 -19.86
CA ILE A 265 -4.10 6.41 -18.57
C ILE A 265 -2.59 6.67 -18.69
N LYS A 266 -2.04 6.44 -19.88
CA LYS A 266 -0.58 6.56 -20.09
C LYS A 266 -0.13 7.98 -20.25
N ILE A 267 -1.05 8.93 -20.20
CA ILE A 267 -0.60 10.32 -20.09
C ILE A 267 0.03 10.64 -18.75
N PHE A 268 -0.33 9.85 -17.72
CA PHE A 268 0.23 10.05 -16.39
C PHE A 268 1.51 9.29 -16.24
N ASP A 269 2.48 9.84 -15.55
CA ASP A 269 3.57 9.01 -15.03
C ASP A 269 3.17 8.21 -13.77
N GLU A 270 4.14 7.54 -13.17
CA GLU A 270 3.80 6.55 -12.13
C GLU A 270 3.47 7.20 -10.80
N ASN A 271 4.06 8.35 -10.51
CA ASN A 271 3.75 9.08 -9.26
C ASN A 271 2.37 9.72 -9.35
N GLU A 272 2.08 10.33 -10.51
CA GLU A 272 0.77 10.86 -10.81
C GLU A 272 -0.34 9.77 -10.80
N LEU A 273 -0.02 8.58 -11.31
CA LEU A 273 -0.99 7.49 -11.38
C LEU A 273 -1.38 6.99 -9.97
N GLU A 274 -0.39 6.86 -9.10
CA GLU A 274 -0.64 6.51 -7.72
C GLU A 274 -1.58 7.51 -7.03
N LEU A 275 -1.26 8.79 -7.19
CA LEU A 275 -2.03 9.84 -6.58
C LEU A 275 -3.46 9.82 -7.11
N LEU A 276 -3.59 9.67 -8.42
CA LEU A 276 -4.90 9.59 -9.07
C LEU A 276 -5.70 8.41 -8.50
N CYS A 278 -5.03 6.36 -5.71
CA CYS A 278 -4.94 6.05 -4.30
C CYS A 278 -4.81 7.21 -3.33
N GLY A 279 -4.57 8.45 -3.81
CA GLY A 279 -4.46 9.60 -2.91
C GLY A 279 -3.12 9.52 -2.10
N LEU A 280 -3.10 10.06 -0.88
CA LEU A 280 -1.92 10.13 0.01
C LEU A 280 -2.04 9.24 1.25
N GLY A 281 -0.93 8.66 1.68
CA GLY A 281 -0.94 7.78 2.83
C GLY A 281 -0.87 8.61 4.11
N ASP A 282 -1.53 8.13 5.17
CA ASP A 282 -1.45 8.80 6.49
C ASP A 282 -2.02 7.89 7.58
N VAL A 283 -1.85 8.36 8.81
CA VAL A 283 -2.32 7.64 9.98
C VAL A 283 -3.36 8.58 10.58
N ASP A 284 -4.50 8.01 10.96
CA ASP A 284 -5.58 8.69 11.67
C ASP A 284 -5.21 8.85 13.15
N VAL A 285 -4.76 10.05 13.53
CA VAL A 285 -4.34 10.33 14.92
C VAL A 285 -5.47 10.23 15.96
N ASN A 286 -6.72 10.57 15.59
CA ASN A 286 -7.85 10.45 16.54
C ASN A 286 -8.08 8.96 16.96
N ASP A 287 -8.18 8.07 15.98
CA ASP A 287 -8.25 6.62 16.21
C ASP A 287 -7.02 6.09 16.98
N TRP A 288 -5.82 6.56 16.60
CA TRP A 288 -4.59 6.25 17.28
C TRP A 288 -4.68 6.59 18.77
N ARG A 289 -4.95 7.87 19.04
CA ARG A 289 -5.06 8.39 20.39
C ARG A 289 -6.17 7.68 21.25
N GLN A 290 -7.34 7.46 20.65
CA GLN A 290 -8.48 6.84 21.37
C GLN A 290 -8.20 5.41 21.81
N HIS A 291 -7.22 4.75 21.16
CA HIS A 291 -6.94 3.32 21.42
C HIS A 291 -5.52 3.09 21.96
N SER A 292 -4.98 4.10 22.64
CA SER A 292 -3.68 4.00 23.30
C SER A 292 -3.84 3.92 24.79
N ILE A 293 -2.89 3.21 25.40
CA ILE A 293 -2.88 2.90 26.84
C ILE A 293 -1.63 3.54 27.45
N TYR A 294 -1.76 3.98 28.69
CA TYR A 294 -0.69 4.66 29.38
C TYR A 294 -0.27 3.83 30.60
N LYS A 295 1.03 3.81 30.87
CA LYS A 295 1.56 2.93 31.90
C LYS A 295 2.62 3.62 32.72
N ASN A 296 2.84 3.11 33.93
CA ASN A 296 3.84 3.61 34.84
C ASN A 296 3.74 5.09 35.23
N GLY A 297 2.54 5.62 35.37
CA GLY A 297 2.38 6.99 35.85
C GLY A 297 1.80 7.95 34.82
N TYR A 298 1.75 7.54 33.56
CA TYR A 298 1.10 8.37 32.57
C TYR A 298 -0.41 8.11 32.54
N CYS A 299 -1.12 9.07 31.93
CA CYS A 299 -2.56 9.06 31.81
C CYS A 299 -2.88 10.15 30.77
N PRO A 300 -4.14 10.16 30.25
CA PRO A 300 -4.59 11.13 29.26
C PRO A 300 -4.34 12.63 29.57
N ASN A 301 -4.55 13.08 30.80
CA ASN A 301 -4.27 14.51 31.15
C ASN A 301 -2.84 14.89 31.46
N HIS A 302 -1.96 13.90 31.50
CA HIS A 302 -0.57 14.15 31.87
C HIS A 302 0.07 15.11 30.88
N PRO A 303 0.74 16.20 31.33
CA PRO A 303 1.39 17.12 30.38
C PRO A 303 2.20 16.41 29.28
N VAL A 304 2.95 15.36 29.64
CA VAL A 304 3.88 14.66 28.70
C VAL A 304 3.07 13.96 27.56
N ILE A 305 1.95 13.39 27.93
CA ILE A 305 1.01 12.76 26.99
C ILE A 305 0.31 13.77 26.04
N GLN A 306 -0.22 14.86 26.61
CA GLN A 306 -0.81 15.95 25.84
C GLN A 306 0.24 16.61 24.89
N TRP A 307 1.46 16.82 25.36
CA TRP A 307 2.57 17.25 24.49
C TRP A 307 2.79 16.21 23.37
N PHE A 308 2.81 14.93 23.73
CA PHE A 308 3.10 13.85 22.80
C PHE A 308 2.14 13.92 21.60
N TRP A 309 0.83 13.88 21.87
CA TRP A 309 -0.18 13.88 20.83
C TRP A 309 -0.19 15.13 19.96
N LYS A 310 0.03 16.30 20.59
CA LYS A 310 0.20 17.50 19.78
C LYS A 310 1.45 17.41 18.84
N ALA A 311 2.56 16.90 19.36
CA ALA A 311 3.78 16.73 18.54
C ALA A 311 3.49 15.76 17.37
N VAL A 312 2.74 14.68 17.64
CA VAL A 312 2.34 13.74 16.57
C VAL A 312 1.48 14.42 15.52
N LEU A 313 0.50 15.20 15.99
CA LEU A 313 -0.35 15.89 15.06
C LEU A 313 0.47 16.89 14.20
N LEU A 314 1.50 17.50 14.78
CA LEU A 314 2.33 18.52 14.02
C LEU A 314 3.29 17.91 12.96
N ASP A 316 4.58 15.66 9.70
CA ASP A 316 4.02 15.31 8.41
C ASP A 316 3.59 13.84 8.44
N ALA A 317 2.67 13.49 7.55
CA ALA A 317 2.21 12.11 7.30
C ALA A 317 3.36 11.08 7.36
N GLU A 318 4.41 11.31 6.58
CA GLU A 318 5.60 10.43 6.53
C GLU A 318 6.27 10.15 7.89
N LYS A 319 6.39 11.18 8.73
CA LYS A 319 6.94 11.02 10.07
C LYS A 319 6.05 10.27 11.08
N ARG A 320 4.75 10.56 11.04
CA ARG A 320 3.76 9.79 11.77
C ARG A 320 3.86 8.32 11.41
N ILE A 321 3.93 8.02 10.12
CA ILE A 321 4.13 6.64 9.66
C ILE A 321 5.44 6.04 10.20
N ARG A 322 6.50 6.84 10.17
CA ARG A 322 7.79 6.42 10.72
C ARG A 322 7.69 6.21 12.23
N LEU A 323 6.94 7.07 12.91
CA LEU A 323 6.70 6.90 14.34
C LEU A 323 5.99 5.59 14.64
N LEU A 324 5.00 5.25 13.83
CA LEU A 324 4.19 4.06 14.05
C LEU A 324 5.08 2.84 13.86
N GLN A 325 5.94 2.92 12.83
CA GLN A 325 6.88 1.86 12.53
C GLN A 325 7.96 1.73 13.64
N PHE A 326 8.50 2.86 14.10
CA PHE A 326 9.39 2.92 15.27
C PHE A 326 8.83 2.18 16.50
N VAL A 327 7.57 2.40 16.84
CA VAL A 327 6.98 1.80 18.03
C VAL A 327 6.48 0.36 17.81
N THR A 328 5.91 0.08 16.63
CA THR A 328 5.20 -1.21 16.43
C THR A 328 5.96 -2.21 15.59
N GLY A 329 7.00 -1.75 14.89
CA GLY A 329 7.76 -2.59 14.00
C GLY A 329 7.21 -2.52 12.58
N THR A 330 6.03 -1.93 12.40
CA THR A 330 5.47 -1.83 11.07
C THR A 330 4.77 -0.51 10.82
N SER A 331 4.75 -0.11 9.55
CA SER A 331 4.08 1.13 9.20
C SER A 331 2.62 0.86 8.82
N ARG A 332 2.16 -0.37 8.97
CA ARG A 332 0.76 -0.64 8.67
C ARG A 332 -0.18 -0.65 9.88
N VAL A 333 -1.40 -0.22 9.60
CA VAL A 333 -2.44 -0.07 10.60
C VAL A 333 -3.38 -1.20 10.33
N PRO A 334 -3.88 -1.84 11.40
CA PRO A 334 -4.79 -2.94 11.16
C PRO A 334 -5.99 -2.43 10.40
N ASN A 336 -9.13 -2.76 10.74
CA ASN A 336 -10.18 -2.19 11.57
C ASN A 336 -9.69 -1.12 12.53
N GLY A 337 -8.48 -0.63 12.30
CA GLY A 337 -7.96 0.53 12.98
C GLY A 337 -7.21 0.14 14.24
N PHE A 338 -6.92 1.12 15.09
CA PHE A 338 -6.00 0.86 16.20
C PHE A 338 -6.51 -0.04 17.34
N ALA A 339 -7.84 -0.26 17.43
CA ALA A 339 -8.42 -1.11 18.47
C ALA A 339 -7.94 -2.53 18.29
N GLU A 340 -7.54 -2.84 17.05
CA GLU A 340 -7.19 -4.22 16.72
C GLU A 340 -5.68 -4.37 16.56
N LEU A 341 -4.91 -3.50 17.19
CA LEU A 341 -3.48 -3.57 17.09
C LEU A 341 -2.98 -4.83 17.80
N TYR A 342 -2.02 -5.48 17.14
CA TYR A 342 -1.45 -6.73 17.56
C TYR A 342 0.04 -6.56 17.81
N GLY A 343 0.56 -7.23 18.84
CA GLY A 343 2.00 -7.36 19.10
C GLY A 343 2.57 -8.77 18.80
N SER A 344 3.64 -9.15 19.51
CA SER A 344 4.24 -10.50 19.39
C SER A 344 3.36 -11.60 19.99
N ASN A 345 2.76 -11.34 21.15
CA ASN A 345 1.92 -12.35 21.82
C ASN A 345 0.43 -11.96 21.81
N GLY A 346 -0.10 -11.79 20.59
CA GLY A 346 -1.51 -11.46 20.38
C GLY A 346 -1.85 -9.99 20.49
N PRO A 347 -3.14 -9.67 20.71
CA PRO A 347 -3.68 -8.29 20.86
C PRO A 347 -2.89 -7.43 21.83
N GLN A 348 -2.45 -6.25 21.38
CA GLN A 348 -1.67 -5.34 22.24
C GLN A 348 -1.83 -3.91 21.79
N LEU A 349 -2.65 -3.14 22.48
CA LEU A 349 -2.81 -1.73 22.11
C LEU A 349 -1.49 -0.95 22.25
N PHE A 350 -1.37 0.03 21.38
CA PHE A 350 -0.33 1.02 21.43
C PHE A 350 -0.20 1.62 22.83
N THR A 351 1.02 1.57 23.37
CA THR A 351 1.29 1.84 24.79
C THR A 351 2.43 2.87 24.91
N ILE A 352 2.21 3.84 25.79
CA ILE A 352 3.23 4.82 26.21
C ILE A 352 3.44 4.64 27.72
N GLU A 353 4.65 4.25 28.05
CA GLU A 353 5.04 3.97 29.39
C GLU A 353 6.10 4.97 29.90
N GLN A 354 5.90 5.52 31.08
CA GLN A 354 6.90 6.41 31.64
C GLN A 354 8.16 5.61 31.95
N TRP A 355 9.27 6.08 31.40
CA TRP A 355 10.53 5.38 31.47
C TRP A 355 11.70 6.36 31.30
N GLY A 356 12.81 6.05 31.97
CA GLY A 356 14.05 6.77 31.73
C GLY A 356 14.10 8.14 32.34
N SER A 357 15.21 8.79 32.06
CA SER A 357 15.55 10.09 32.55
C SER A 357 15.28 11.05 31.40
N PRO A 358 14.88 12.30 31.70
CA PRO A 358 14.63 13.29 30.67
C PRO A 358 15.84 13.58 29.75
N GLU A 359 17.06 13.16 30.10
CA GLU A 359 18.19 13.30 29.19
C GLU A 359 18.37 12.16 28.20
N LYS A 360 17.52 11.14 28.28
CA LYS A 360 17.51 10.09 27.27
C LYS A 360 16.52 10.32 26.16
N LEU A 361 16.74 9.67 25.02
CA LEU A 361 15.79 9.67 23.94
C LEU A 361 14.75 8.61 24.17
N PRO A 362 13.53 8.77 23.60
CA PRO A 362 12.57 7.66 23.78
C PRO A 362 13.05 6.36 23.10
N ARG A 363 12.57 5.22 23.59
CA ARG A 363 12.92 3.90 23.04
C ARG A 363 11.63 3.12 22.82
N ALA A 364 11.69 2.08 22.02
CA ALA A 364 10.52 1.28 21.77
C ALA A 364 10.78 -0.19 22.02
N HIS A 365 9.76 -0.90 22.50
CA HIS A 365 9.72 -2.36 22.47
C HIS A 365 8.62 -2.77 21.50
N THR A 366 9.02 -3.18 20.31
CA THR A 366 8.13 -3.35 19.18
C THR A 366 7.21 -4.55 19.34
N CYS A 367 7.70 -5.59 20.04
CA CYS A 367 6.91 -6.77 20.30
C CYS A 367 5.73 -6.42 21.22
N PHE A 368 5.85 -5.31 21.96
CA PHE A 368 4.75 -4.83 22.82
C PHE A 368 4.04 -3.57 22.35
N ASN A 369 4.29 -3.11 21.11
CA ASN A 369 3.79 -1.80 20.63
C ASN A 369 3.94 -0.64 21.62
N ARG A 370 5.09 -0.60 22.28
CA ARG A 370 5.23 0.19 23.47
C ARG A 370 6.33 1.24 23.28
N LEU A 371 5.93 2.51 23.37
CA LEU A 371 6.88 3.60 23.50
C LEU A 371 7.32 3.86 24.94
N ASP A 372 8.63 3.74 25.18
CA ASP A 372 9.23 4.16 26.48
C ASP A 372 9.61 5.63 26.39
N LEU A 373 8.79 6.46 27.07
CA LEU A 373 8.85 7.90 26.91
C LEU A 373 9.27 8.62 28.18
N PRO A 374 10.52 9.16 28.21
CA PRO A 374 10.89 9.91 29.41
C PRO A 374 10.01 11.12 29.73
N PRO A 375 9.91 11.47 31.01
CA PRO A 375 9.10 12.60 31.38
C PRO A 375 9.82 13.94 31.14
N TYR A 376 9.84 14.39 29.88
CA TYR A 376 10.59 15.62 29.52
C TYR A 376 9.94 16.81 30.21
N GLU A 377 10.71 17.87 30.35
CA GLU A 377 10.37 19.00 31.23
C GLU A 377 9.55 20.12 30.54
N THR A 378 9.60 20.13 29.21
CA THR A 378 8.83 21.06 28.41
C THR A 378 8.30 20.40 27.13
N PHE A 379 7.31 21.06 26.56
CA PHE A 379 6.79 20.65 25.25
C PHE A 379 7.87 20.61 24.17
N GLU A 380 8.67 21.69 24.06
CA GLU A 380 9.66 21.80 23.01
C GLU A 380 10.72 20.67 23.15
N ASP A 381 11.13 20.33 24.39
CA ASP A 381 12.08 19.25 24.59
C ASP A 381 11.51 17.93 24.15
N LEU A 382 10.26 17.65 24.49
CA LEU A 382 9.65 16.38 24.08
C LEU A 382 9.59 16.28 22.55
N ARG A 383 9.13 17.38 21.93
CA ARG A 383 8.97 17.44 20.48
C ARG A 383 10.32 17.21 19.82
N GLU A 384 11.37 17.85 20.32
CA GLU A 384 12.68 17.70 19.69
C GLU A 384 13.27 16.29 19.87
N LYS A 385 13.15 15.73 21.08
CA LYS A 385 13.67 14.40 21.39
C LYS A 385 12.87 13.31 20.68
N LEU A 386 11.59 13.52 20.50
CA LEU A 386 10.73 12.55 19.82
C LEU A 386 11.06 12.55 18.30
N LEU A 387 11.18 13.72 17.69
CA LEU A 387 11.47 13.80 16.28
C LEU A 387 12.80 13.14 15.98
N ALA A 389 14.20 10.73 17.66
CA ALA A 389 14.15 9.29 17.83
C ALA A 389 13.53 8.65 16.60
N VAL A 390 12.50 9.33 16.09
CA VAL A 390 11.72 8.92 14.94
C VAL A 390 12.59 8.93 13.72
N GLU A 391 13.42 9.97 13.58
CA GLU A 391 14.49 9.95 12.61
C GLU A 391 15.73 9.24 13.21
#